data_3KH1
#
_entry.id   3KH1
#
_cell.length_a   77.852
_cell.length_b   83.906
_cell.length_c   71.278
_cell.angle_alpha   90.00
_cell.angle_beta   116.89
_cell.angle_gamma   90.00
#
_symmetry.space_group_name_H-M   'C 1 2 1'
#
loop_
_entity.id
_entity.type
_entity.pdbx_description
1 polymer 'Predicted metal-dependent phosphohydrolase'
2 non-polymer 'CALCIUM ION'
3 non-polymer 'ACETATE ION'
4 non-polymer 'TETRAETHYLENE GLYCOL'
5 water water
#
_entity_poly.entity_id   1
_entity_poly.type   'polypeptide(L)'
_entity_poly.pdbx_seq_one_letter_code
;G(MSE)IPFPESRLAAQ(MSE)SFVVEIDKLKTILRQTLLTDSSRRENDAEHSWHIAT(MSE)AFLLAEYADEAVQIGRV
AR(MSE)LLIHDIVEIDAGDTFIHDEAGNEDKEERERKAAARLFGLLPPDQAAEYSALWQEYEARETADARFADALDRLQ
PLLHNFETEGGTWKPHGVTRAKVDKLLPRIEAGSKRLGAYARALVDEAVRRGYLAP
;
_entity_poly.pdbx_strand_id   A,B
#
# COMPACT_ATOMS: atom_id res chain seq x y z
N ILE A 3 -23.74 16.32 9.75
CA ILE A 3 -23.41 15.00 10.13
C ILE A 3 -24.03 14.84 11.51
N PRO A 4 -25.06 14.00 11.63
CA PRO A 4 -25.64 13.84 12.94
C PRO A 4 -24.65 13.31 13.94
N PHE A 5 -24.92 13.54 15.21
CA PHE A 5 -23.97 13.12 16.23
C PHE A 5 -23.60 11.62 16.16
N PRO A 6 -24.56 10.69 15.93
CA PRO A 6 -24.17 9.27 15.85
C PRO A 6 -23.28 8.90 14.69
N GLU A 7 -23.19 9.76 13.66
CA GLU A 7 -22.36 9.51 12.52
C GLU A 7 -20.93 10.04 12.68
N SER A 8 -20.60 10.56 13.87
CA SER A 8 -19.33 11.25 14.10
C SER A 8 -18.13 10.33 13.92
N ARG A 9 -18.23 9.13 14.45
CA ARG A 9 -17.06 8.24 14.40
C ARG A 9 -16.71 7.89 12.95
N LEU A 10 -17.69 7.49 12.17
CA LEU A 10 -17.46 7.09 10.78
C LEU A 10 -16.99 8.34 10.01
N ALA A 11 -17.58 9.52 10.26
CA ALA A 11 -17.11 10.70 9.53
C ALA A 11 -15.64 11.02 9.83
N ALA A 12 -15.21 10.82 11.07
CA ALA A 12 -13.83 11.06 11.45
C ALA A 12 -12.93 10.06 10.72
N GLN A 13 -13.33 8.79 10.71
CA GLN A 13 -12.58 7.77 9.97
C GLN A 13 -12.46 8.09 8.48
N SER A 15 -12.65 11.07 7.12
CA SER A 15 -11.81 12.26 6.95
C SER A 15 -10.31 11.88 6.91
N PHE A 16 -9.93 10.87 7.69
CA PHE A 16 -8.56 10.37 7.67
C PHE A 16 -8.27 9.64 6.35
N VAL A 17 -9.19 8.78 5.92
CA VAL A 17 -9.10 8.06 4.65
C VAL A 17 -8.86 9.03 3.51
N VAL A 18 -9.62 10.11 3.46
CA VAL A 18 -9.47 11.09 2.40
C VAL A 18 -8.14 11.84 2.49
N GLU A 19 -7.77 12.27 3.70
CA GLU A 19 -6.55 13.05 3.92
C GLU A 19 -5.29 12.31 3.48
N ILE A 20 -5.25 11.00 3.72
CA ILE A 20 -4.02 10.25 3.48
C ILE A 20 -3.76 9.99 2.01
N ASP A 21 -4.69 10.33 1.09
CA ASP A 21 -4.33 10.44 -0.32
C ASP A 21 -3.02 11.19 -0.50
N LYS A 22 -2.80 12.18 0.36
CA LYS A 22 -1.64 13.06 0.22
C LYS A 22 -0.31 12.34 0.36
N LEU A 23 -0.29 11.14 0.93
CA LEU A 23 0.98 10.41 1.06
C LEU A 23 1.57 10.10 -0.32
N LYS A 24 0.69 10.00 -1.30
CA LYS A 24 1.07 9.68 -2.68
C LYS A 24 1.96 10.74 -3.31
N THR A 25 1.99 11.93 -2.74
CA THR A 25 2.72 13.06 -3.26
C THR A 25 4.10 13.23 -2.60
N ILE A 26 4.42 12.40 -1.61
CA ILE A 26 5.71 12.51 -0.86
C ILE A 26 6.72 11.61 -1.52
N LEU A 27 7.78 12.18 -2.05
CA LEU A 27 8.79 11.45 -2.84
C LEU A 27 10.05 11.09 -2.06
N ARG A 28 10.51 9.89 -2.30
CA ARG A 28 11.73 9.34 -1.74
C ARG A 28 12.89 9.52 -2.73
N GLN A 29 14.10 9.17 -2.31
CA GLN A 29 15.25 9.14 -3.25
C GLN A 29 15.43 7.80 -3.97
N THR A 30 14.82 6.74 -3.46
CA THR A 30 14.76 5.45 -4.13
C THR A 30 14.12 5.60 -5.47
N LEU A 31 14.71 5.02 -6.48
CA LEU A 31 14.13 4.97 -7.82
C LEU A 31 13.34 3.71 -8.01
N LEU A 32 12.30 3.79 -8.82
CA LEU A 32 11.75 2.56 -9.38
C LEU A 32 12.87 1.74 -10.04
N THR A 33 12.63 0.44 -10.15
CA THR A 33 13.65 -0.50 -10.65
C THR A 33 14.11 -0.24 -12.07
N ASP A 34 13.28 0.41 -12.86
CA ASP A 34 13.63 0.84 -14.20
C ASP A 34 14.22 2.27 -14.30
N SER A 35 14.54 2.86 -13.14
CA SER A 35 15.09 4.23 -13.04
C SER A 35 14.18 5.29 -13.64
N SER A 36 12.90 5.00 -13.85
CA SER A 36 12.01 5.90 -14.53
C SER A 36 11.63 7.18 -13.75
N ARG A 37 11.64 7.08 -12.43
CA ARG A 37 11.25 8.18 -11.53
C ARG A 37 11.56 7.71 -10.10
N ARG A 38 11.51 8.67 -9.18
CA ARG A 38 11.54 8.38 -7.74
C ARG A 38 10.26 7.67 -7.33
N GLU A 39 10.40 6.79 -6.34
CA GLU A 39 9.30 6.18 -5.62
C GLU A 39 8.60 7.13 -4.68
N ASN A 40 7.28 7.06 -4.58
CA ASN A 40 6.56 7.80 -3.59
C ASN A 40 6.29 6.98 -2.32
N ASP A 41 5.92 7.65 -1.23
CA ASP A 41 5.77 6.96 0.04
C ASP A 41 4.62 5.96 0.02
N ALA A 42 3.52 6.26 -0.67
CA ALA A 42 2.36 5.33 -0.68
C ALA A 42 2.75 4.06 -1.40
N GLU A 43 3.36 4.17 -2.58
CA GLU A 43 3.71 2.95 -3.33
C GLU A 43 4.85 2.20 -2.63
N HIS A 44 5.71 2.90 -1.87
CA HIS A 44 6.73 2.25 -1.05
C HIS A 44 6.08 1.41 0.03
N SER A 45 5.10 1.99 0.75
CA SER A 45 4.42 1.26 1.80
C SER A 45 3.63 0.07 1.19
N TRP A 46 2.98 0.24 0.04
CA TRP A 46 2.39 -0.92 -0.64
C TRP A 46 3.41 -2.03 -0.79
N HIS A 47 4.57 -1.70 -1.28
CA HIS A 47 5.55 -2.70 -1.62
C HIS A 47 6.07 -3.44 -0.42
N ILE A 48 6.37 -2.72 0.65
CA ILE A 48 6.91 -3.37 1.85
CA ILE A 48 6.92 -3.42 1.79
C ILE A 48 5.84 -4.18 2.58
N ALA A 49 4.60 -3.66 2.62
CA ALA A 49 3.53 -4.46 3.24
C ALA A 49 3.28 -5.75 2.48
N THR A 50 3.36 -5.71 1.16
CA THR A 50 3.22 -6.92 0.38
C THR A 50 4.39 -7.89 0.67
N ALA A 52 5.93 -8.15 3.50
CA ALA A 52 5.68 -8.75 4.81
C ALA A 52 4.96 -10.08 4.65
N PHE A 53 3.90 -10.10 3.85
CA PHE A 53 3.15 -11.32 3.65
C PHE A 53 3.98 -12.34 2.87
N LEU A 54 4.65 -11.92 1.82
CA LEU A 54 5.42 -12.84 0.98
C LEU A 54 6.59 -13.49 1.71
N LEU A 55 7.19 -12.72 2.61
CA LEU A 55 8.44 -13.11 3.28
C LEU A 55 8.20 -13.49 4.74
N ALA A 56 6.94 -13.75 5.08
CA ALA A 56 6.52 -14.04 6.46
C ALA A 56 7.32 -15.18 7.08
N GLU A 57 7.70 -16.16 6.26
CA GLU A 57 8.35 -17.37 6.81
C GLU A 57 9.72 -17.07 7.42
N TYR A 58 10.29 -15.91 7.05
CA TYR A 58 11.61 -15.49 7.54
C TYR A 58 11.54 -14.71 8.88
N ALA A 59 10.32 -14.44 9.38
CA ALA A 59 10.01 -13.69 10.67
C ALA A 59 10.08 -14.60 11.87
N ASP A 60 10.44 -14.02 13.01
CA ASP A 60 10.44 -14.77 14.26
CA ASP A 60 10.44 -14.75 14.28
C ASP A 60 9.01 -15.21 14.55
N GLU A 61 8.89 -16.35 15.26
CA GLU A 61 7.57 -16.93 15.61
C GLU A 61 6.60 -15.93 16.26
N ALA A 62 7.15 -15.02 17.06
CA ALA A 62 6.34 -14.10 17.85
C ALA A 62 5.75 -12.99 16.94
N VAL A 63 6.18 -12.84 15.68
CA VAL A 63 5.63 -11.77 14.85
CA VAL A 63 5.62 -11.75 14.84
C VAL A 63 4.19 -12.04 14.38
N GLN A 64 3.33 -11.01 14.44
CA GLN A 64 1.99 -11.09 13.89
C GLN A 64 2.06 -10.38 12.54
N ILE A 65 2.05 -11.16 11.47
CA ILE A 65 2.32 -10.63 10.15
CA ILE A 65 2.32 -10.61 10.15
C ILE A 65 1.27 -9.59 9.70
N GLY A 66 0.00 -9.79 10.03
CA GLY A 66 -1.02 -8.82 9.69
C GLY A 66 -0.80 -7.48 10.38
N ARG A 67 -0.30 -7.56 11.62
CA ARG A 67 0.03 -6.37 12.36
C ARG A 67 1.24 -5.66 11.80
N VAL A 68 2.25 -6.43 11.40
CA VAL A 68 3.38 -5.87 10.66
C VAL A 68 2.90 -5.14 9.40
N ALA A 69 1.97 -5.76 8.66
CA ALA A 69 1.43 -5.16 7.45
C ALA A 69 0.77 -3.83 7.79
N ARG A 70 -0.07 -3.84 8.80
CA ARG A 70 -0.78 -2.59 9.19
C ARG A 70 0.19 -1.50 9.59
N LEU A 72 3.32 -1.19 8.64
CA LEU A 72 3.98 -0.69 7.44
C LEU A 72 3.06 0.21 6.63
N LEU A 73 1.81 -0.13 6.51
CA LEU A 73 0.87 0.70 5.74
C LEU A 73 0.79 2.11 6.34
N ILE A 74 0.95 2.24 7.66
CA ILE A 74 0.78 3.56 8.29
C ILE A 74 2.10 4.26 8.65
N HIS A 75 3.25 3.57 8.51
CA HIS A 75 4.50 4.04 9.08
C HIS A 75 5.00 5.37 8.55
N ASP A 76 4.62 5.72 7.33
CA ASP A 76 5.02 6.98 6.73
C ASP A 76 3.94 8.04 6.65
N ILE A 77 2.79 7.81 7.25
CA ILE A 77 1.73 8.84 7.22
C ILE A 77 2.22 10.19 7.74
N VAL A 78 3.06 10.18 8.78
CA VAL A 78 3.59 11.45 9.25
C VAL A 78 4.32 12.28 8.20
N GLU A 79 4.86 11.62 7.17
CA GLU A 79 5.58 12.34 6.12
C GLU A 79 4.69 13.26 5.27
N ILE A 80 3.37 13.07 5.30
CA ILE A 80 2.46 14.02 4.65
C ILE A 80 2.80 15.43 5.04
N ASP A 81 3.04 15.67 6.34
CA ASP A 81 3.41 16.97 6.84
C ASP A 81 4.92 17.13 7.00
N ALA A 82 5.62 16.07 7.40
CA ALA A 82 7.06 16.19 7.73
C ALA A 82 7.99 16.05 6.53
N GLY A 83 7.49 15.51 5.42
CA GLY A 83 8.32 15.20 4.25
C GLY A 83 9.20 13.98 4.49
N ASP A 84 9.90 13.58 3.45
CA ASP A 84 10.82 12.50 3.52
C ASP A 84 12.22 13.03 3.85
N THR A 85 12.96 12.23 4.62
CA THR A 85 14.35 12.49 4.91
C THR A 85 15.17 11.31 4.42
N PHE A 86 16.11 11.55 3.52
CA PHE A 86 16.96 10.47 3.01
C PHE A 86 17.81 9.92 4.16
N ILE A 87 17.89 8.61 4.26
CA ILE A 87 18.48 7.97 5.43
C ILE A 87 19.90 8.41 5.69
N HIS A 88 20.67 8.69 4.64
CA HIS A 88 22.06 9.10 4.77
C HIS A 88 22.28 10.62 4.90
N ASP A 89 21.20 11.38 4.93
CA ASP A 89 21.28 12.84 5.06
CA ASP A 89 21.26 12.84 5.06
C ASP A 89 21.27 13.24 6.55
N GLU A 90 22.48 13.44 7.10
CA GLU A 90 22.68 13.96 8.48
C GLU A 90 21.90 15.24 8.87
N ALA A 91 22.06 16.35 8.12
CA ALA A 91 21.28 17.59 8.46
C ALA A 91 19.77 17.27 8.52
N ASP A 95 15.26 18.88 12.47
CA ASP A 95 14.05 18.99 13.26
C ASP A 95 13.10 17.80 12.97
N LYS A 96 13.63 16.68 12.50
CA LYS A 96 12.78 15.57 11.99
C LYS A 96 11.87 15.03 13.10
N GLU A 97 12.42 14.76 14.28
CA GLU A 97 11.62 14.31 15.42
C GLU A 97 10.45 15.25 15.72
N GLU A 98 10.70 16.57 15.76
CA GLU A 98 9.63 17.54 16.07
C GLU A 98 8.59 17.63 14.94
N ARG A 99 9.05 17.65 13.69
CA ARG A 99 8.19 17.67 12.50
CA ARG A 99 8.10 17.75 12.59
C ARG A 99 7.23 16.49 12.54
N GLU A 100 7.80 15.32 12.80
CA GLU A 100 7.02 14.06 12.79
C GLU A 100 6.07 13.98 13.99
N ARG A 101 6.50 14.42 15.17
CA ARG A 101 5.63 14.45 16.34
C ARG A 101 4.39 15.33 16.08
N LYS A 102 4.61 16.54 15.56
CA LYS A 102 3.51 17.42 15.18
C LYS A 102 2.63 16.85 14.06
N ALA A 103 3.25 16.20 13.08
CA ALA A 103 2.49 15.57 12.00
C ALA A 103 1.56 14.50 12.58
N ALA A 104 2.12 13.64 13.42
CA ALA A 104 1.34 12.57 14.05
C ALA A 104 0.12 13.12 14.78
N ALA A 105 0.32 14.17 15.56
CA ALA A 105 -0.79 14.78 16.27
C ALA A 105 -1.92 15.28 15.35
N ARG A 106 -1.59 15.91 14.23
CA ARG A 106 -2.58 16.45 13.35
C ARG A 106 -3.26 15.35 12.56
N LEU A 107 -2.45 14.44 12.01
CA LEU A 107 -2.95 13.44 11.09
C LEU A 107 -3.71 12.34 11.81
N PHE A 108 -3.05 11.65 12.75
CA PHE A 108 -3.78 10.64 13.54
C PHE A 108 -4.91 11.29 14.34
N GLY A 109 -4.80 12.57 14.66
CA GLY A 109 -5.82 13.28 15.42
C GLY A 109 -7.11 13.42 14.64
N LEU A 110 -7.09 13.21 13.32
CA LEU A 110 -8.34 13.15 12.54
C LEU A 110 -9.21 11.93 12.91
N LEU A 111 -8.57 10.86 13.35
CA LEU A 111 -9.29 9.63 13.68
C LEU A 111 -10.10 9.81 14.97
N PRO A 112 -11.09 8.92 15.18
CA PRO A 112 -11.68 8.89 16.51
C PRO A 112 -10.61 8.67 17.59
N PRO A 113 -10.83 9.14 18.83
CA PRO A 113 -9.78 9.06 19.85
C PRO A 113 -9.12 7.69 20.06
N ASP A 114 -9.89 6.60 20.05
CA ASP A 114 -9.32 5.28 20.26
C ASP A 114 -8.31 4.92 19.15
N GLN A 115 -8.67 5.21 17.92
CA GLN A 115 -7.80 4.92 16.82
C GLN A 115 -6.68 5.94 16.68
N ALA A 116 -6.94 7.19 17.05
CA ALA A 116 -5.85 8.20 17.05
C ALA A 116 -4.71 7.69 17.94
N ALA A 117 -5.06 7.22 19.15
CA ALA A 117 -4.07 6.71 20.07
C ALA A 117 -3.44 5.42 19.53
N GLU A 118 -4.28 4.54 19.00
CA GLU A 118 -3.79 3.26 18.49
C GLU A 118 -2.77 3.41 17.36
N TYR A 119 -3.14 4.23 16.39
CA TYR A 119 -2.31 4.37 15.23
C TYR A 119 -1.03 5.19 15.51
N SER A 120 -1.14 6.23 16.34
CA SER A 120 0.03 6.97 16.80
CA SER A 120 0.06 6.97 16.74
CA SER A 120 0.06 6.96 16.72
C SER A 120 1.04 6.04 17.48
N ALA A 121 0.51 5.18 18.36
CA ALA A 121 1.35 4.26 19.12
C ALA A 121 2.03 3.28 18.18
N LEU A 122 1.28 2.85 17.18
CA LEU A 122 1.82 1.87 16.25
C LEU A 122 2.98 2.46 15.46
N TRP A 123 2.82 3.71 15.02
CA TRP A 123 3.88 4.41 14.35
C TRP A 123 5.09 4.60 15.28
N GLN A 124 4.84 4.96 16.54
CA GLN A 124 5.91 5.13 17.52
CA GLN A 124 5.96 5.14 17.45
C GLN A 124 6.67 3.80 17.73
N GLU A 125 5.93 2.70 17.74
CA GLU A 125 6.49 1.39 17.92
C GLU A 125 7.41 1.02 16.74
N TYR A 126 6.94 1.33 15.53
CA TYR A 126 7.74 1.15 14.33
C TYR A 126 9.06 1.93 14.45
N GLU A 127 8.95 3.20 14.82
CA GLU A 127 10.13 4.06 14.92
C GLU A 127 11.12 3.57 15.98
N ALA A 128 10.61 3.01 17.07
CA ALA A 128 11.49 2.56 18.15
C ALA A 128 12.25 1.28 17.83
N ARG A 129 11.70 0.48 16.92
CA ARG A 129 12.29 -0.77 16.41
C ARG A 129 12.79 -1.69 17.55
N GLU A 130 11.95 -1.79 18.58
CA GLU A 130 12.25 -2.61 19.75
C GLU A 130 11.47 -3.94 19.68
N THR A 131 10.18 -3.86 19.37
CA THR A 131 9.34 -5.07 19.48
C THR A 131 9.61 -6.02 18.31
N ALA A 132 9.15 -7.26 18.44
CA ALA A 132 9.31 -8.24 17.36
C ALA A 132 8.70 -7.74 16.08
N ASP A 133 7.45 -7.25 16.14
CA ASP A 133 6.81 -6.75 14.96
C ASP A 133 7.59 -5.58 14.33
N ALA A 134 8.05 -4.64 15.15
CA ALA A 134 8.75 -3.48 14.64
C ALA A 134 10.09 -3.88 14.01
N ARG A 135 10.79 -4.85 14.56
CA ARG A 135 12.04 -5.28 14.00
C ARG A 135 11.85 -5.92 12.63
N PHE A 136 10.80 -6.73 12.47
CA PHE A 136 10.56 -7.36 11.16
C PHE A 136 10.11 -6.30 10.16
N ALA A 137 9.23 -5.38 10.59
CA ALA A 137 8.80 -4.28 9.73
C ALA A 137 10.00 -3.44 9.26
N ASP A 138 10.88 -3.07 10.20
CA ASP A 138 12.03 -2.25 9.88
C ASP A 138 13.00 -2.99 8.95
N ALA A 139 13.18 -4.29 9.16
CA ALA A 139 14.07 -5.07 8.31
C ALA A 139 13.58 -5.07 6.86
N LEU A 140 12.28 -5.21 6.66
CA LEU A 140 11.73 -5.22 5.33
C LEU A 140 11.87 -3.87 4.68
N ASP A 141 11.62 -2.83 5.44
CA ASP A 141 11.74 -1.46 4.97
C ASP A 141 13.16 -1.09 4.57
N ARG A 142 14.14 -1.66 5.27
CA ARG A 142 15.54 -1.41 4.97
C ARG A 142 16.03 -2.28 3.82
N LEU A 143 15.43 -3.46 3.63
CA LEU A 143 15.85 -4.35 2.52
C LEU A 143 15.45 -3.81 1.18
N GLN A 144 14.22 -3.31 1.10
CA GLN A 144 13.69 -2.93 -0.19
C GLN A 144 14.54 -1.89 -0.97
N PRO A 145 15.05 -0.85 -0.32
CA PRO A 145 15.87 0.10 -1.08
C PRO A 145 17.16 -0.53 -1.61
N LEU A 146 17.69 -1.51 -0.89
CA LEU A 146 18.86 -2.25 -1.39
C LEU A 146 18.54 -3.00 -2.67
N LEU A 147 17.39 -3.65 -2.67
CA LEU A 147 16.89 -4.30 -3.88
C LEU A 147 16.82 -3.32 -5.03
N HIS A 148 16.27 -2.15 -4.76
CA HIS A 148 16.11 -1.16 -5.85
C HIS A 148 17.44 -0.57 -6.32
N ASN A 149 18.36 -0.30 -5.39
CA ASN A 149 19.64 0.20 -5.78
C ASN A 149 20.39 -0.83 -6.62
N PHE A 150 20.20 -2.11 -6.33
CA PHE A 150 20.87 -3.14 -7.13
C PHE A 150 20.29 -3.12 -8.57
N GLU A 151 18.98 -3.04 -8.68
CA GLU A 151 18.32 -3.01 -9.99
C GLU A 151 18.68 -1.79 -10.82
N THR A 152 18.89 -0.64 -10.14
CA THR A 152 19.19 0.60 -10.82
C THR A 152 20.71 0.88 -10.93
N GLU A 153 21.52 -0.13 -10.64
CA GLU A 153 22.97 -0.04 -10.74
C GLU A 153 23.52 1.08 -9.88
N GLY A 154 22.99 1.20 -8.65
CA GLY A 154 23.39 2.27 -7.76
C GLY A 154 22.79 3.61 -8.13
N GLY A 155 21.54 3.57 -8.58
CA GLY A 155 20.87 4.77 -9.06
C GLY A 155 20.58 5.78 -7.98
N THR A 156 20.58 5.36 -6.73
CA THR A 156 20.53 6.26 -5.57
C THR A 156 21.87 6.34 -4.85
N TRP A 157 22.56 5.22 -4.72
CA TRP A 157 23.86 5.21 -4.05
C TRP A 157 24.85 6.18 -4.68
N LYS A 158 25.09 6.09 -5.97
CA LYS A 158 26.17 6.87 -6.59
CA LYS A 158 26.19 6.85 -6.55
C LYS A 158 25.96 8.38 -6.56
N PRO A 159 24.77 8.85 -6.95
CA PRO A 159 24.59 10.30 -6.92
C PRO A 159 24.64 10.89 -5.54
N HIS A 160 24.34 10.08 -4.54
CA HIS A 160 24.37 10.55 -3.17
C HIS A 160 25.68 10.21 -2.44
N GLY A 161 26.66 9.64 -3.10
CA GLY A 161 27.93 9.37 -2.44
C GLY A 161 27.85 8.31 -1.35
N VAL A 162 26.96 7.36 -1.49
CA VAL A 162 26.81 6.32 -0.44
C VAL A 162 27.94 5.32 -0.64
N THR A 163 28.56 4.90 0.46
CA THR A 163 29.69 3.98 0.43
C THR A 163 29.28 2.67 1.12
N ARG A 164 30.09 1.62 0.96
CA ARG A 164 29.86 0.37 1.69
CA ARG A 164 29.82 0.38 1.66
C ARG A 164 29.74 0.62 3.18
N ALA A 165 30.63 1.47 3.72
CA ALA A 165 30.61 1.75 5.15
C ALA A 165 29.27 2.30 5.62
N LYS A 166 28.65 3.18 4.84
CA LYS A 166 27.34 3.74 5.19
C LYS A 166 26.24 2.67 5.14
N VAL A 167 26.29 1.81 4.12
CA VAL A 167 25.31 0.73 4.01
C VAL A 167 25.49 -0.29 5.14
N ASP A 168 26.74 -0.54 5.50
CA ASP A 168 27.05 -1.49 6.57
C ASP A 168 26.47 -1.07 7.89
N LYS A 169 26.31 0.22 8.08
CA LYS A 169 25.68 0.72 9.30
C LYS A 169 24.18 0.34 9.38
N LEU A 170 23.51 0.15 8.22
CA LEU A 170 22.10 -0.18 8.13
C LEU A 170 21.81 -1.68 8.14
N LEU A 171 22.77 -2.49 7.66
CA LEU A 171 22.52 -3.92 7.49
C LEU A 171 22.12 -4.64 8.81
N PRO A 172 22.67 -4.21 9.97
CA PRO A 172 22.22 -4.90 11.20
C PRO A 172 20.73 -4.74 11.50
N ARG A 173 20.11 -3.72 10.96
CA ARG A 173 18.66 -3.57 11.13
C ARG A 173 17.89 -4.65 10.39
N ILE A 174 18.40 -5.10 9.25
CA ILE A 174 17.80 -6.23 8.54
C ILE A 174 18.04 -7.51 9.33
N GLU A 175 19.28 -7.72 9.76
CA GLU A 175 19.64 -8.89 10.55
C GLU A 175 18.78 -9.00 11.79
N ALA A 176 18.47 -7.87 12.41
CA ALA A 176 17.68 -7.86 13.63
C ALA A 176 16.27 -8.43 13.42
N GLY A 177 15.74 -8.34 12.20
CA GLY A 177 14.43 -8.88 11.87
C GLY A 177 14.45 -10.28 11.29
N SER A 178 15.53 -10.63 10.58
CA SER A 178 15.67 -11.94 9.96
C SER A 178 17.13 -12.18 9.61
N LYS A 179 17.73 -13.20 10.20
CA LYS A 179 19.07 -13.58 9.86
C LYS A 179 19.20 -13.97 8.38
N ARG A 180 18.19 -14.67 7.85
CA ARG A 180 18.24 -15.10 6.46
CA ARG A 180 18.23 -15.09 6.43
C ARG A 180 18.17 -13.88 5.50
N LEU A 181 17.26 -12.93 5.79
CA LEU A 181 17.19 -11.73 4.96
C LEU A 181 18.44 -10.86 5.13
N GLY A 182 19.01 -10.83 6.35
CA GLY A 182 20.26 -10.12 6.52
C GLY A 182 21.40 -10.70 5.69
N ALA A 183 21.51 -12.01 5.66
CA ALA A 183 22.52 -12.69 4.85
C ALA A 183 22.31 -12.40 3.38
N TYR A 184 21.04 -12.40 2.92
CA TYR A 184 20.74 -12.04 1.55
C TYR A 184 21.21 -10.65 1.23
N ALA A 185 20.86 -9.73 2.10
CA ALA A 185 21.20 -8.34 1.92
C ALA A 185 22.70 -8.15 1.88
N ARG A 186 23.45 -8.74 2.79
CA ARG A 186 24.90 -8.64 2.75
C ARG A 186 25.49 -9.19 1.44
N ALA A 187 24.98 -10.31 0.96
CA ALA A 187 25.47 -10.91 -0.29
C ALA A 187 25.13 -9.98 -1.49
N LEU A 188 23.96 -9.35 -1.45
CA LEU A 188 23.56 -8.42 -2.49
C LEU A 188 24.48 -7.23 -2.51
N VAL A 189 24.80 -6.69 -1.33
CA VAL A 189 25.68 -5.53 -1.25
C VAL A 189 27.11 -5.89 -1.66
N ASP A 190 27.59 -7.07 -1.27
CA ASP A 190 28.88 -7.54 -1.73
C ASP A 190 28.95 -7.52 -3.25
N GLU A 191 27.91 -8.05 -3.89
CA GLU A 191 27.88 -8.09 -5.35
C GLU A 191 27.79 -6.66 -5.90
N ALA A 192 26.98 -5.78 -5.29
CA ALA A 192 26.91 -4.39 -5.74
C ALA A 192 28.29 -3.73 -5.75
N VAL A 193 29.09 -4.02 -4.75
CA VAL A 193 30.43 -3.42 -4.68
C VAL A 193 31.28 -3.98 -5.83
N ARG A 194 31.22 -5.30 -6.03
CA ARG A 194 31.96 -5.92 -7.13
C ARG A 194 31.59 -5.31 -8.49
N ARG A 195 30.31 -4.95 -8.68
CA ARG A 195 29.84 -4.41 -9.94
C ARG A 195 30.04 -2.91 -10.08
N GLY A 196 30.53 -2.26 -9.03
CA GLY A 196 30.76 -0.81 -9.04
C GLY A 196 29.50 0.03 -8.81
N TYR A 197 28.44 -0.59 -8.30
CA TYR A 197 27.22 0.15 -8.01
C TYR A 197 27.32 1.01 -6.73
N LEU A 198 28.23 0.61 -5.87
CA LEU A 198 28.35 1.05 -4.51
C LEU A 198 29.84 1.17 -4.27
N ALA A 199 30.27 2.37 -3.88
CA ALA A 199 31.67 2.68 -3.59
C ALA A 199 32.13 1.77 -2.44
N PRO A 200 33.35 1.22 -2.53
CA PRO A 200 33.79 0.26 -1.51
C PRO A 200 34.09 0.90 -0.17
N GLU B 7 18.66 -22.29 -2.09
CA GLU B 7 18.69 -20.83 -2.41
C GLU B 7 17.61 -20.42 -3.44
N SER B 8 17.11 -21.37 -4.22
CA SER B 8 16.17 -21.02 -5.26
C SER B 8 14.78 -20.61 -4.76
N ARG B 9 14.37 -21.03 -3.56
CA ARG B 9 13.10 -20.57 -2.99
C ARG B 9 13.15 -19.03 -2.76
N LEU B 10 14.15 -18.58 -2.00
CA LEU B 10 14.26 -17.14 -1.73
C LEU B 10 14.51 -16.38 -3.04
N ALA B 11 15.27 -16.96 -3.97
CA ALA B 11 15.53 -16.30 -5.25
C ALA B 11 14.22 -16.08 -6.00
N ALA B 12 13.33 -17.06 -5.94
CA ALA B 12 12.03 -16.96 -6.64
C ALA B 12 11.20 -15.87 -5.97
N GLN B 13 11.16 -15.88 -4.64
CA GLN B 13 10.45 -14.86 -3.90
C GLN B 13 10.96 -13.46 -4.21
N SER B 15 12.54 -12.54 -6.92
CA SER B 15 12.24 -12.21 -8.30
CA SER B 15 12.22 -12.25 -8.31
C SER B 15 10.83 -11.65 -8.42
N PHE B 16 9.91 -12.20 -7.63
CA PHE B 16 8.53 -11.68 -7.60
C PHE B 16 8.50 -10.29 -6.98
N VAL B 17 9.18 -10.14 -5.86
CA VAL B 17 9.23 -8.81 -5.18
C VAL B 17 9.76 -7.71 -6.13
N VAL B 18 10.81 -8.01 -6.90
CA VAL B 18 11.36 -7.09 -7.86
C VAL B 18 10.39 -6.84 -9.00
N GLU B 19 9.83 -7.90 -9.58
CA GLU B 19 8.95 -7.75 -10.73
C GLU B 19 7.73 -6.87 -10.43
N ILE B 20 7.15 -7.05 -9.24
CA ILE B 20 5.92 -6.34 -8.89
C ILE B 20 6.11 -4.85 -8.67
N ASP B 21 7.36 -4.38 -8.61
CA ASP B 21 7.62 -2.96 -8.69
C ASP B 21 6.89 -2.34 -9.89
N LYS B 22 6.72 -3.11 -10.97
CA LYS B 22 6.08 -2.58 -12.14
C LYS B 22 4.63 -2.19 -11.91
N LEU B 23 4.01 -2.63 -10.84
CA LEU B 23 2.62 -2.22 -10.59
C LEU B 23 2.53 -0.69 -10.41
N LYS B 24 3.62 -0.10 -9.93
CA LYS B 24 3.71 1.34 -9.73
C LYS B 24 3.62 2.13 -11.03
N THR B 25 3.85 1.46 -12.15
CA THR B 25 3.83 2.09 -13.45
C THR B 25 2.47 2.00 -14.16
N ILE B 26 1.55 1.23 -13.56
CA ILE B 26 0.24 1.02 -14.18
C ILE B 26 -0.71 2.13 -13.74
N LEU B 27 -1.06 2.99 -14.68
CA LEU B 27 -1.86 4.19 -14.40
C LEU B 27 -3.36 3.95 -14.53
N ARG B 28 -4.10 4.45 -13.55
CA ARG B 28 -5.53 4.49 -13.53
C ARG B 28 -6.02 5.73 -14.25
N GLN B 29 -7.35 5.81 -14.50
CA GLN B 29 -7.94 7.03 -15.02
C GLN B 29 -8.08 8.17 -13.98
N THR B 30 -8.22 7.82 -12.74
CA THR B 30 -8.34 8.72 -11.58
CA THR B 30 -8.45 8.84 -11.75
C THR B 30 -7.17 9.66 -11.48
N LEU B 31 -7.42 10.93 -11.24
CA LEU B 31 -6.35 11.81 -10.81
C LEU B 31 -6.28 11.74 -9.27
N LEU B 32 -5.15 12.16 -8.73
CA LEU B 32 -5.03 12.36 -7.30
C LEU B 32 -5.97 13.42 -6.81
N THR B 33 -6.24 13.44 -5.50
CA THR B 33 -7.18 14.44 -4.94
CA THR B 33 -7.20 14.40 -4.97
C THR B 33 -6.73 15.86 -5.19
N ASP B 34 -5.43 16.08 -5.33
CA ASP B 34 -4.92 17.37 -5.75
C ASP B 34 -4.87 17.64 -7.26
N SER B 35 -5.43 16.70 -8.04
CA SER B 35 -5.45 16.75 -9.52
C SER B 35 -4.09 16.85 -10.19
N SER B 36 -3.01 16.55 -9.48
CA SER B 36 -1.68 16.73 -10.03
C SER B 36 -1.24 15.71 -11.08
N ARG B 37 -1.74 14.49 -10.97
CA ARG B 37 -1.33 13.37 -11.81
C ARG B 37 -2.32 12.24 -11.63
N ARG B 38 -2.21 11.29 -12.54
CA ARG B 38 -2.97 10.04 -12.47
C ARG B 38 -2.53 9.17 -11.32
N GLU B 39 -3.48 8.55 -10.63
CA GLU B 39 -3.21 7.55 -9.65
C GLU B 39 -2.68 6.26 -10.28
N ASN B 40 -1.73 5.60 -9.63
CA ASN B 40 -1.27 4.30 -10.09
C ASN B 40 -1.83 3.14 -9.26
N ASP B 41 -1.69 1.93 -9.77
CA ASP B 41 -2.31 0.78 -9.14
C ASP B 41 -1.68 0.47 -7.78
N ALA B 42 -0.37 0.65 -7.64
CA ALA B 42 0.30 0.30 -6.40
C ALA B 42 -0.14 1.21 -5.29
N GLU B 43 -0.12 2.52 -5.47
CA GLU B 43 -0.52 3.41 -4.43
C GLU B 43 -2.03 3.27 -4.15
N HIS B 44 -2.82 2.90 -5.16
CA HIS B 44 -4.23 2.66 -4.95
C HIS B 44 -4.44 1.45 -4.03
N SER B 45 -3.65 0.39 -4.26
CA SER B 45 -3.74 -0.79 -3.38
C SER B 45 -3.26 -0.51 -1.97
N TRP B 46 -2.23 0.31 -1.79
CA TRP B 46 -1.85 0.77 -0.49
C TRP B 46 -3.07 1.42 0.23
N HIS B 47 -3.79 2.26 -0.50
CA HIS B 47 -4.85 3.04 0.11
C HIS B 47 -5.97 2.11 0.57
N ILE B 48 -6.37 1.17 -0.28
CA ILE B 48 -7.48 0.26 0.03
CA ILE B 48 -7.51 0.35 0.10
C ILE B 48 -7.13 -0.69 1.16
N ALA B 49 -5.89 -1.21 1.14
CA ALA B 49 -5.42 -2.08 2.21
C ALA B 49 -5.44 -1.36 3.54
N THR B 50 -5.03 -0.12 3.56
CA THR B 50 -5.04 0.68 4.78
C THR B 50 -6.49 0.84 5.31
N ALA B 52 -8.82 -1.29 4.95
CA ALA B 52 -9.30 -2.54 5.52
C ALA B 52 -9.06 -2.57 7.00
N PHE B 53 -7.89 -2.09 7.43
CA PHE B 53 -7.60 -2.01 8.86
C PHE B 53 -8.40 -0.90 9.57
N LEU B 54 -8.47 0.27 8.97
CA LEU B 54 -9.16 1.43 9.57
C LEU B 54 -10.63 1.16 9.78
N LEU B 55 -11.23 0.47 8.82
CA LEU B 55 -12.65 0.25 8.74
C LEU B 55 -13.05 -1.20 9.12
N ALA B 56 -12.15 -1.92 9.79
CA ALA B 56 -12.35 -3.32 10.17
C ALA B 56 -13.62 -3.55 10.97
N GLU B 57 -14.04 -2.60 11.79
CA GLU B 57 -15.19 -2.79 12.65
C GLU B 57 -16.51 -2.97 11.89
N TYR B 58 -16.52 -2.53 10.64
CA TYR B 58 -17.69 -2.60 9.77
C TYR B 58 -17.81 -3.90 8.97
N ALA B 59 -16.81 -4.76 9.07
CA ALA B 59 -16.86 -6.06 8.42
C ALA B 59 -17.69 -7.06 9.21
N ASP B 60 -18.23 -8.03 8.50
CA ASP B 60 -18.83 -9.20 9.12
C ASP B 60 -17.80 -9.89 10.05
N GLU B 61 -18.31 -10.54 11.08
CA GLU B 61 -17.46 -11.21 12.02
C GLU B 61 -16.55 -12.29 11.38
N ALA B 62 -17.04 -12.95 10.33
CA ALA B 62 -16.27 -14.01 9.70
C ALA B 62 -15.05 -13.50 8.92
N VAL B 63 -15.01 -12.21 8.63
CA VAL B 63 -13.95 -11.66 7.80
C VAL B 63 -12.61 -11.68 8.53
N GLN B 64 -11.56 -12.09 7.81
CA GLN B 64 -10.19 -12.07 8.35
C GLN B 64 -9.52 -10.83 7.79
N ILE B 65 -9.37 -9.80 8.63
CA ILE B 65 -8.95 -8.49 8.14
C ILE B 65 -7.54 -8.50 7.55
N GLY B 66 -6.59 -9.14 8.23
CA GLY B 66 -5.25 -9.27 7.68
C GLY B 66 -5.23 -9.92 6.31
N ARG B 67 -6.10 -10.89 6.12
CA ARG B 67 -6.21 -11.59 4.86
C ARG B 67 -6.82 -10.72 3.77
N VAL B 68 -7.84 -9.95 4.13
CA VAL B 68 -8.38 -8.95 3.24
C VAL B 68 -7.28 -7.95 2.82
N ALA B 69 -6.47 -7.50 3.78
CA ALA B 69 -5.37 -6.60 3.45
C ALA B 69 -4.43 -7.24 2.43
N ARG B 70 -4.02 -8.48 2.67
CA ARG B 70 -3.12 -9.21 1.74
C ARG B 70 -3.75 -9.32 0.36
N LEU B 72 -6.01 -7.38 -0.97
CA LEU B 72 -6.06 -6.05 -1.59
C LEU B 72 -4.65 -5.66 -2.10
N LEU B 73 -3.62 -6.01 -1.33
CA LEU B 73 -2.27 -5.70 -1.80
C LEU B 73 -1.93 -6.39 -3.10
N ILE B 74 -2.48 -7.58 -3.36
CA ILE B 74 -2.17 -8.34 -4.56
C ILE B 74 -3.21 -8.30 -5.67
N HIS B 75 -4.36 -7.64 -5.43
CA HIS B 75 -5.52 -7.77 -6.33
C HIS B 75 -5.31 -7.25 -7.73
N ASP B 76 -4.42 -6.26 -7.89
CA ASP B 76 -4.16 -5.63 -9.19
C ASP B 76 -2.84 -6.04 -9.82
N ILE B 77 -2.10 -6.98 -9.21
CA ILE B 77 -0.82 -7.39 -9.79
C ILE B 77 -0.96 -7.85 -11.25
N VAL B 78 -2.06 -8.56 -11.61
CA VAL B 78 -2.28 -8.97 -12.98
C VAL B 78 -2.25 -7.81 -13.98
N GLU B 79 -2.58 -6.60 -13.53
CA GLU B 79 -2.60 -5.42 -14.42
C GLU B 79 -1.21 -5.05 -14.92
N ILE B 80 -0.16 -5.55 -14.27
CA ILE B 80 1.20 -5.38 -14.84
C ILE B 80 1.29 -5.80 -16.29
N ASP B 81 0.65 -6.93 -16.63
CA ASP B 81 0.63 -7.43 -18.00
C ASP B 81 -0.68 -7.06 -18.67
N ALA B 82 -1.80 -7.02 -17.92
CA ALA B 82 -3.13 -6.93 -18.56
C ALA B 82 -3.59 -5.48 -18.77
N GLY B 83 -2.89 -4.56 -18.14
CA GLY B 83 -3.26 -3.13 -18.14
C GLY B 83 -4.43 -2.81 -17.23
N ASP B 84 -4.72 -1.54 -17.10
CA ASP B 84 -5.82 -1.06 -16.33
C ASP B 84 -7.04 -0.84 -17.21
N THR B 85 -8.23 -1.18 -16.72
CA THR B 85 -9.47 -0.73 -17.39
C THR B 85 -10.32 0.04 -16.39
N PHE B 86 -10.87 1.16 -16.82
CA PHE B 86 -11.73 1.97 -15.97
C PHE B 86 -13.05 1.23 -15.78
N ILE B 87 -13.56 1.15 -14.55
CA ILE B 87 -14.69 0.29 -14.27
C ILE B 87 -15.93 0.67 -15.08
N HIS B 88 -16.10 1.95 -15.39
CA HIS B 88 -17.29 2.41 -16.10
C HIS B 88 -17.16 2.33 -17.62
N ASP B 89 -16.01 1.85 -18.13
CA ASP B 89 -15.87 1.61 -19.56
C ASP B 89 -16.36 0.21 -19.96
N ASP B 95 -12.06 -10.21 -23.34
CA ASP B 95 -10.60 -10.16 -23.47
C ASP B 95 -9.88 -9.96 -22.14
N LYS B 96 -10.50 -9.18 -21.26
CA LYS B 96 -9.88 -8.82 -19.97
C LYS B 96 -9.58 -10.08 -19.14
N GLU B 97 -10.58 -10.95 -19.04
CA GLU B 97 -10.47 -12.14 -18.19
C GLU B 97 -9.33 -13.05 -18.66
N GLU B 98 -9.24 -13.24 -19.98
CA GLU B 98 -8.15 -14.02 -20.55
C GLU B 98 -6.77 -13.36 -20.35
N ARG B 99 -6.68 -12.04 -20.53
CA ARG B 99 -5.40 -11.33 -20.36
C ARG B 99 -4.96 -11.46 -18.89
N GLU B 100 -5.92 -11.33 -17.97
CA GLU B 100 -5.61 -11.42 -16.56
C GLU B 100 -5.26 -12.85 -16.11
N ARG B 101 -5.94 -13.84 -16.68
CA ARG B 101 -5.56 -15.23 -16.40
C ARG B 101 -4.12 -15.52 -16.81
N LYS B 102 -3.75 -15.07 -18.00
CA LYS B 102 -2.40 -15.28 -18.51
C LYS B 102 -1.41 -14.50 -17.62
N ALA B 103 -1.78 -13.28 -17.26
CA ALA B 103 -0.94 -12.44 -16.39
C ALA B 103 -0.69 -13.16 -15.06
N ALA B 104 -1.76 -13.68 -14.48
CA ALA B 104 -1.64 -14.33 -13.17
C ALA B 104 -0.66 -15.54 -13.25
N ALA B 105 -0.79 -16.34 -14.30
CA ALA B 105 0.11 -17.46 -14.49
C ALA B 105 1.56 -17.05 -14.58
N ARG B 106 1.86 -16.00 -15.33
CA ARG B 106 3.21 -15.58 -15.46
C ARG B 106 3.73 -14.95 -14.16
N LEU B 107 2.97 -14.02 -13.59
CA LEU B 107 3.45 -13.19 -12.47
C LEU B 107 3.50 -14.05 -11.23
N PHE B 108 2.38 -14.64 -10.81
CA PHE B 108 2.42 -15.49 -9.62
C PHE B 108 3.30 -16.72 -9.85
N GLY B 109 3.46 -17.13 -11.10
CA GLY B 109 4.39 -18.23 -11.45
C GLY B 109 5.87 -17.97 -11.14
N LEU B 110 6.22 -16.70 -10.88
CA LEU B 110 7.57 -16.36 -10.42
C LEU B 110 7.83 -16.88 -9.02
N LEU B 111 6.78 -17.02 -8.25
CA LEU B 111 6.90 -17.48 -6.87
C LEU B 111 7.15 -18.97 -6.78
N PRO B 112 7.66 -19.41 -5.63
CA PRO B 112 7.74 -20.87 -5.40
C PRO B 112 6.36 -21.48 -5.56
N PRO B 113 6.29 -22.75 -5.94
CA PRO B 113 5.00 -23.31 -6.32
C PRO B 113 3.88 -23.19 -5.27
N ASP B 114 4.20 -23.35 -3.98
CA ASP B 114 3.19 -23.21 -2.94
C ASP B 114 2.58 -21.80 -2.96
N GLN B 115 3.42 -20.78 -3.03
CA GLN B 115 2.97 -19.39 -3.04
C GLN B 115 2.33 -19.03 -4.37
N ALA B 116 2.83 -19.58 -5.48
CA ALA B 116 2.21 -19.30 -6.74
C ALA B 116 0.74 -19.69 -6.69
N ALA B 117 0.47 -20.89 -6.19
CA ALA B 117 -0.89 -21.40 -6.13
C ALA B 117 -1.76 -20.57 -5.15
N GLU B 118 -1.18 -20.25 -4.00
CA GLU B 118 -1.87 -19.51 -2.93
C GLU B 118 -2.27 -18.14 -3.44
N TYR B 119 -1.32 -17.42 -4.03
CA TYR B 119 -1.61 -16.02 -4.37
C TYR B 119 -2.49 -15.95 -5.61
N SER B 120 -2.32 -16.87 -6.57
CA SER B 120 -3.21 -16.86 -7.72
CA SER B 120 -3.21 -16.87 -7.73
CA SER B 120 -3.20 -16.93 -7.73
C SER B 120 -4.64 -17.14 -7.28
N ALA B 121 -4.81 -18.09 -6.35
CA ALA B 121 -6.14 -18.39 -5.85
C ALA B 121 -6.72 -17.22 -5.06
N LEU B 122 -5.90 -16.50 -4.29
CA LEU B 122 -6.38 -15.33 -3.51
C LEU B 122 -6.87 -14.24 -4.48
N TRP B 123 -6.16 -14.03 -5.58
CA TRP B 123 -6.58 -13.10 -6.61
C TRP B 123 -7.89 -13.57 -7.25
N GLN B 124 -7.99 -14.84 -7.62
CA GLN B 124 -9.23 -15.40 -8.16
CA GLN B 124 -9.24 -15.30 -8.21
C GLN B 124 -10.41 -15.19 -7.20
N GLU B 125 -10.14 -15.39 -5.92
CA GLU B 125 -11.14 -15.24 -4.88
C GLU B 125 -11.62 -13.79 -4.82
N TYR B 126 -10.70 -12.82 -4.91
CA TYR B 126 -11.07 -11.40 -4.98
C TYR B 126 -11.98 -11.12 -6.17
N GLU B 127 -11.61 -11.65 -7.33
CA GLU B 127 -12.40 -11.36 -8.53
C GLU B 127 -13.78 -11.93 -8.46
N ALA B 128 -13.92 -13.09 -7.83
CA ALA B 128 -15.23 -13.78 -7.73
C ALA B 128 -16.21 -13.09 -6.77
N ARG B 129 -15.65 -12.34 -5.82
CA ARG B 129 -16.43 -11.55 -4.85
C ARG B 129 -17.60 -12.33 -4.21
N GLU B 130 -17.31 -13.59 -3.83
CA GLU B 130 -18.23 -14.55 -3.22
CA GLU B 130 -18.32 -14.43 -3.15
C GLU B 130 -18.01 -14.73 -1.71
N THR B 131 -16.74 -14.92 -1.34
CA THR B 131 -16.41 -15.22 0.05
C THR B 131 -16.55 -13.98 0.91
N ALA B 132 -16.65 -14.17 2.21
CA ALA B 132 -16.74 -13.03 3.12
C ALA B 132 -15.56 -12.05 2.94
N ASP B 133 -14.36 -12.59 2.87
CA ASP B 133 -13.19 -11.73 2.70
C ASP B 133 -13.26 -10.96 1.38
N ALA B 134 -13.62 -11.67 0.30
CA ALA B 134 -13.67 -11.02 -0.98
C ALA B 134 -14.75 -9.92 -1.05
N ARG B 135 -15.89 -10.14 -0.41
CA ARG B 135 -16.92 -9.12 -0.43
C ARG B 135 -16.48 -7.88 0.35
N PHE B 136 -15.78 -8.05 1.46
CA PHE B 136 -15.36 -6.87 2.20
C PHE B 136 -14.29 -6.14 1.40
N ALA B 137 -13.34 -6.88 0.84
CA ALA B 137 -12.30 -6.33 -0.02
C ALA B 137 -12.90 -5.49 -1.17
N ASP B 138 -13.82 -6.14 -1.89
CA ASP B 138 -14.45 -5.51 -3.03
C ASP B 138 -15.22 -4.26 -2.62
N ALA B 139 -15.89 -4.32 -1.47
CA ALA B 139 -16.67 -3.19 -0.97
C ALA B 139 -15.74 -1.99 -0.74
N LEU B 140 -14.59 -2.24 -0.14
CA LEU B 140 -13.63 -1.14 0.13
C LEU B 140 -13.12 -0.55 -1.17
N ASP B 141 -12.82 -1.42 -2.13
CA ASP B 141 -12.29 -1.01 -3.44
C ASP B 141 -13.35 -0.14 -4.18
N ARG B 142 -14.62 -0.48 -4.04
CA ARG B 142 -15.71 0.26 -4.66
CA ARG B 142 -15.68 0.27 -4.67
C ARG B 142 -16.04 1.53 -3.90
N LEU B 143 -15.82 1.53 -2.59
CA LEU B 143 -16.08 2.71 -1.79
C LEU B 143 -15.11 3.84 -2.04
N GLN B 144 -13.82 3.52 -2.14
CA GLN B 144 -12.80 4.54 -2.18
C GLN B 144 -13.01 5.57 -3.31
N PRO B 145 -13.38 5.15 -4.54
CA PRO B 145 -13.58 6.16 -5.58
C PRO B 145 -14.77 7.07 -5.31
N LEU B 146 -15.74 6.60 -4.53
CA LEU B 146 -16.85 7.50 -4.13
C LEU B 146 -16.34 8.59 -3.20
N LEU B 147 -15.51 8.19 -2.23
CA LEU B 147 -14.89 9.16 -1.32
C LEU B 147 -14.07 10.20 -2.08
N HIS B 148 -13.27 9.70 -3.03
CA HIS B 148 -12.43 10.55 -3.86
C HIS B 148 -13.23 11.51 -4.70
N ASN B 149 -14.23 10.99 -5.41
CA ASN B 149 -15.07 11.80 -6.25
C ASN B 149 -15.83 12.85 -5.44
N PHE B 150 -16.32 12.53 -4.24
CA PHE B 150 -17.00 13.50 -3.45
C PHE B 150 -16.03 14.61 -3.06
N GLU B 151 -14.84 14.22 -2.62
CA GLU B 151 -13.82 15.19 -2.22
C GLU B 151 -13.39 16.14 -3.35
N THR B 152 -13.34 15.63 -4.58
CA THR B 152 -12.93 16.41 -5.76
C THR B 152 -14.11 16.95 -6.59
N GLU B 153 -15.32 16.88 -6.05
CA GLU B 153 -16.50 17.46 -6.70
CA GLU B 153 -16.53 17.40 -6.71
C GLU B 153 -16.74 16.78 -8.09
N GLY B 154 -16.60 15.46 -8.14
CA GLY B 154 -16.79 14.67 -9.35
C GLY B 154 -15.58 14.62 -10.26
N GLY B 155 -14.37 14.67 -9.69
CA GLY B 155 -13.17 14.80 -10.54
C GLY B 155 -12.92 13.66 -11.51
N THR B 156 -13.44 12.47 -11.21
CA THR B 156 -13.32 11.33 -12.13
C THR B 156 -14.63 11.12 -12.91
N TRP B 157 -15.75 11.24 -12.21
CA TRP B 157 -17.05 11.06 -12.83
C TRP B 157 -17.25 11.99 -14.01
N LYS B 158 -17.00 13.28 -13.80
CA LYS B 158 -17.28 14.28 -14.84
C LYS B 158 -16.48 14.06 -16.14
N PRO B 159 -15.15 13.93 -16.04
CA PRO B 159 -14.44 13.76 -17.33
C PRO B 159 -14.74 12.45 -18.07
N HIS B 160 -15.33 11.46 -17.38
CA HIS B 160 -15.68 10.19 -18.00
C HIS B 160 -17.18 10.04 -18.26
N GLY B 161 -17.92 11.14 -18.08
CA GLY B 161 -19.38 11.14 -18.36
C GLY B 161 -20.14 10.11 -17.52
N VAL B 162 -19.69 9.90 -16.28
CA VAL B 162 -20.34 8.90 -15.43
C VAL B 162 -21.69 9.47 -14.95
N THR B 163 -22.69 8.60 -14.87
CA THR B 163 -24.08 8.96 -14.48
C THR B 163 -24.41 8.26 -13.18
N ARG B 164 -25.48 8.71 -12.53
CA ARG B 164 -26.00 8.02 -11.33
C ARG B 164 -26.28 6.55 -11.65
N ALA B 165 -26.87 6.25 -12.81
CA ALA B 165 -27.17 4.87 -13.15
C ALA B 165 -25.97 3.97 -13.00
N LYS B 166 -24.81 4.40 -13.53
CA LYS B 166 -23.61 3.56 -13.53
C LYS B 166 -23.05 3.40 -12.11
N VAL B 167 -23.12 4.46 -11.32
CA VAL B 167 -22.66 4.41 -9.92
C VAL B 167 -23.60 3.62 -9.04
N ASP B 168 -24.91 3.87 -9.19
CA ASP B 168 -25.89 3.13 -8.40
C ASP B 168 -25.72 1.63 -8.62
N LYS B 169 -25.38 1.22 -9.85
CA LYS B 169 -25.21 -0.21 -10.20
C LYS B 169 -24.13 -0.91 -9.37
N LEU B 170 -23.16 -0.14 -8.90
CA LEU B 170 -22.02 -0.66 -8.11
C LEU B 170 -22.31 -0.68 -6.60
N LEU B 171 -23.30 0.09 -6.15
CA LEU B 171 -23.60 0.21 -4.70
C LEU B 171 -23.89 -1.14 -4.03
N PRO B 172 -24.57 -2.09 -4.71
CA PRO B 172 -24.80 -3.37 -4.03
C PRO B 172 -23.50 -4.09 -3.67
N ARG B 173 -22.41 -3.81 -4.40
CA ARG B 173 -21.14 -4.42 -4.03
C ARG B 173 -20.59 -3.88 -2.71
N ILE B 174 -20.87 -2.62 -2.41
CA ILE B 174 -20.46 -2.06 -1.13
C ILE B 174 -21.35 -2.62 -0.04
N GLU B 175 -22.66 -2.64 -0.29
CA GLU B 175 -23.62 -3.18 0.65
CA GLU B 175 -23.62 -3.19 0.65
C GLU B 175 -23.28 -4.64 1.00
N ALA B 176 -22.81 -5.41 0.00
CA ALA B 176 -22.48 -6.84 0.21
C ALA B 176 -21.35 -7.01 1.24
N GLY B 177 -20.46 -6.02 1.32
CA GLY B 177 -19.37 -6.04 2.26
C GLY B 177 -19.71 -5.43 3.63
N SER B 178 -20.63 -4.47 3.67
CA SER B 178 -21.00 -3.82 4.92
C SER B 178 -22.25 -3.02 4.73
N LYS B 179 -23.28 -3.31 5.51
CA LYS B 179 -24.53 -2.55 5.44
C LYS B 179 -24.30 -1.09 5.80
N ARG B 180 -23.42 -0.85 6.77
CA ARG B 180 -23.15 0.49 7.22
C ARG B 180 -22.42 1.27 6.14
N LEU B 181 -21.37 0.69 5.54
CA LEU B 181 -20.66 1.38 4.49
C LEU B 181 -21.55 1.57 3.25
N GLY B 182 -22.43 0.62 2.97
CA GLY B 182 -23.40 0.74 1.91
C GLY B 182 -24.31 1.92 2.08
N ALA B 183 -24.79 2.10 3.30
CA ALA B 183 -25.66 3.23 3.63
C ALA B 183 -24.90 4.56 3.48
N TYR B 184 -23.65 4.57 3.93
CA TYR B 184 -22.83 5.76 3.77
C TYR B 184 -22.70 6.08 2.27
N ALA B 185 -22.39 5.05 1.47
CA ALA B 185 -22.17 5.23 0.05
C ALA B 185 -23.46 5.76 -0.64
N ARG B 186 -24.62 5.21 -0.29
CA ARG B 186 -25.88 5.66 -0.88
CA ARG B 186 -25.89 5.66 -0.87
C ARG B 186 -26.12 7.14 -0.59
N ALA B 187 -25.91 7.55 0.66
CA ALA B 187 -26.11 8.95 1.04
C ALA B 187 -25.12 9.85 0.31
N LEU B 188 -23.88 9.37 0.14
CA LEU B 188 -22.87 10.13 -0.58
C LEU B 188 -23.26 10.37 -2.04
N VAL B 189 -23.76 9.32 -2.68
CA VAL B 189 -24.14 9.39 -4.11
C VAL B 189 -25.33 10.31 -4.34
N ASP B 190 -26.30 10.24 -3.44
CA ASP B 190 -27.45 11.14 -3.53
C ASP B 190 -27.05 12.59 -3.37
N GLU B 191 -26.19 12.86 -2.39
CA GLU B 191 -25.71 14.21 -2.19
C GLU B 191 -24.84 14.66 -3.38
N ALA B 192 -24.01 13.76 -3.92
CA ALA B 192 -23.23 14.05 -5.12
C ALA B 192 -24.13 14.49 -6.30
N VAL B 193 -25.23 13.80 -6.53
CA VAL B 193 -26.13 14.20 -7.61
C VAL B 193 -26.76 15.56 -7.27
N ARG B 194 -27.21 15.73 -6.03
CA ARG B 194 -27.78 17.01 -5.56
CA ARG B 194 -27.82 17.00 -5.61
C ARG B 194 -26.86 18.16 -5.88
N ARG B 195 -25.57 17.96 -5.61
CA ARG B 195 -24.56 19.02 -5.76
C ARG B 195 -24.05 19.18 -7.18
N GLY B 196 -24.46 18.31 -8.10
CA GLY B 196 -23.97 18.35 -9.48
C GLY B 196 -22.58 17.76 -9.72
N TYR B 197 -22.08 16.95 -8.78
CA TYR B 197 -20.80 16.26 -8.93
C TYR B 197 -20.97 15.05 -9.86
N LEU B 198 -22.20 14.52 -9.91
CA LEU B 198 -22.52 13.29 -10.63
C LEU B 198 -23.78 13.57 -11.48
N ALA B 199 -23.69 13.37 -12.80
CA ALA B 199 -24.82 13.55 -13.71
C ALA B 199 -25.97 12.61 -13.35
N PRO B 200 -27.22 13.09 -13.49
CA PRO B 200 -28.36 12.21 -13.22
C PRO B 200 -28.55 11.13 -14.31
#